data_7QBO
#
_entry.id   7QBO
#
_cell.length_a   103.214
_cell.length_b   103.214
_cell.length_c   54.985
_cell.angle_alpha   90.000
_cell.angle_beta   90.000
_cell.angle_gamma   90.000
#
_symmetry.space_group_name_H-M   'P 43 21 2'
#
loop_
_entity.id
_entity.type
_entity.pdbx_description
1 polymer 'Cathepsin K'
2 polymer 'Cathepsin K'
3 non-polymer '(phenylmethyl) ~{N}-[(2~{S})-1-[[aminomethyl(methyl)amino]-methyl-amino]-1-oxidanylidene-3-phenyl-propan-2-yl]carbamate'
4 non-polymer 1,2-ETHANEDIOL
5 non-polymer 'CHLORIDE ION'
6 non-polymer 'MAGNESIUM ION'
7 water water
#
loop_
_entity_poly.entity_id
_entity_poly.type
_entity_poly.pdbx_seq_one_letter_code
_entity_poly.pdbx_strand_id
1 'polypeptide(L)'
;RAPDSVDYRKKGYVTPVKNQGQCGSCWAFSSVGALEGQLKKKTGKLLNLSPQNLVDCVSENDGCGGGYMTNAFQYVQKNR
GIDSEDAYPYVGQEESCMYNPTGKAAKCRGYREIPEGNEKALKRAVARVGPVSVAIDASLTSFQFYSKGVYYDESCNSDN
LNHAVLAVGYGIQKGNKHWIIKNSWGENWGNKGYILMARNKNNACGIANLASFPKM
;
A
2 'polypeptide(L)' LYPEEILDTHWELWKKTHRKQYNNKVDEISRRLIWEKNLKYISIHNLEASLGVHTYELAMNHLGDMTSEEVVQK P
#
loop_
_chem_comp.id
_chem_comp.type
_chem_comp.name
_chem_comp.formula
9ZG non-polymer '(phenylmethyl) ~{N}-[(2~{S})-1-[[aminomethyl(methyl)amino]-methyl-amino]-1-oxidanylidene-3-phenyl-propan-2-yl]carbamate' 'C20 H26 N4 O3'
CL non-polymer 'CHLORIDE ION' 'Cl -1'
EDO non-polymer 1,2-ETHANEDIOL 'C2 H6 O2'
MG non-polymer 'MAGNESIUM ION' 'Mg 2'
#
# COMPACT_ATOMS: atom_id res chain seq x y z
N ARG A 1 -11.96 -28.89 -11.37
CA ARG A 1 -11.29 -27.72 -12.01
C ARG A 1 -10.52 -26.93 -10.93
N ALA A 2 -9.29 -26.50 -11.20
CA ALA A 2 -8.53 -25.52 -10.37
C ALA A 2 -9.34 -24.21 -10.30
N PRO A 3 -9.22 -23.42 -9.21
CA PRO A 3 -9.88 -22.11 -9.19
C PRO A 3 -9.17 -21.15 -10.16
N ASP A 4 -9.84 -20.07 -10.54
CA ASP A 4 -9.20 -18.94 -11.24
C ASP A 4 -8.64 -18.00 -10.16
N SER A 5 -7.35 -18.02 -9.95
CA SER A 5 -6.68 -17.19 -8.91
C SER A 5 -5.27 -16.88 -9.39
N VAL A 6 -4.69 -15.78 -8.95
CA VAL A 6 -3.36 -15.33 -9.43
C VAL A 6 -2.61 -14.81 -8.22
N ASP A 7 -1.35 -15.13 -8.06
CA ASP A 7 -0.53 -14.57 -6.96
C ASP A 7 0.89 -14.39 -7.48
N TYR A 8 1.24 -13.16 -7.88
CA TYR A 8 2.53 -12.86 -8.54
C TYR A 8 3.70 -13.01 -7.58
N ARG A 9 3.46 -13.11 -6.28
CA ARG A 9 4.57 -13.36 -5.31
C ARG A 9 5.17 -14.74 -5.58
N LYS A 10 4.30 -15.71 -5.86
CA LYS A 10 4.68 -17.12 -6.19
C LYS A 10 5.52 -17.19 -7.46
N LYS A 11 5.37 -16.23 -8.38
CA LYS A 11 6.07 -16.25 -9.68
C LYS A 11 7.31 -15.38 -9.63
N GLY A 12 7.62 -14.77 -8.49
CA GLY A 12 8.87 -14.00 -8.35
C GLY A 12 8.78 -12.62 -8.98
N TYR A 13 7.57 -12.05 -9.10
CA TYR A 13 7.31 -10.72 -9.73
C TYR A 13 7.21 -9.61 -8.66
N VAL A 14 7.31 -9.96 -7.37
CA VAL A 14 7.11 -8.97 -6.27
C VAL A 14 8.34 -8.92 -5.36
N THR A 15 8.87 -7.71 -5.14
CA THR A 15 9.97 -7.46 -4.19
C THR A 15 9.44 -7.52 -2.76
N PRO A 16 10.35 -7.55 -1.76
CA PRO A 16 9.93 -7.48 -0.36
C PRO A 16 9.14 -6.20 -0.05
N VAL A 17 8.32 -6.28 0.98
CA VAL A 17 7.52 -5.13 1.52
C VAL A 17 8.49 -4.08 2.04
N LYS A 18 8.23 -2.82 1.71
CA LYS A 18 9.04 -1.66 2.13
C LYS A 18 8.22 -0.89 3.14
N ASN A 19 8.91 0.01 3.83
CA ASN A 19 8.32 0.95 4.80
C ASN A 19 8.60 2.37 4.35
N GLN A 20 7.56 3.10 3.95
CA GLN A 20 7.66 4.49 3.48
C GLN A 20 7.99 5.39 4.67
N GLY A 21 7.70 4.98 5.90
CA GLY A 21 7.96 5.79 7.11
C GLY A 21 7.05 7.01 7.17
N GLN A 22 7.60 8.16 7.59
CA GLN A 22 6.82 9.40 7.87
C GLN A 22 6.42 10.09 6.57
N CYS A 23 7.17 9.84 5.51
CA CYS A 23 7.08 10.54 4.21
C CYS A 23 5.81 10.09 3.46
N GLY A 24 5.10 11.03 2.81
CA GLY A 24 3.86 10.70 2.07
C GLY A 24 4.17 10.18 0.69
N SER A 25 4.93 9.08 0.61
CA SER A 25 5.49 8.53 -0.64
C SER A 25 4.78 7.23 -1.04
N CYS A 26 3.57 6.96 -0.55
CA CYS A 26 2.78 5.74 -0.92
C CYS A 26 2.72 5.59 -2.44
N TRP A 27 2.49 6.69 -3.15
CA TRP A 27 2.41 6.73 -4.64
C TRP A 27 3.70 6.23 -5.30
N ALA A 28 4.86 6.55 -4.72
CA ALA A 28 6.18 6.18 -5.27
C ALA A 28 6.41 4.67 -5.06
N PHE A 29 5.98 4.13 -3.93
CA PHE A 29 6.10 2.69 -3.65
C PHE A 29 5.17 1.95 -4.58
N SER A 30 3.92 2.41 -4.70
CA SER A 30 2.93 1.79 -5.59
C SER A 30 3.49 1.76 -7.01
N SER A 31 4.08 2.86 -7.49
CA SER A 31 4.62 3.00 -8.87
C SER A 31 5.77 2.00 -9.06
N VAL A 32 6.74 1.99 -8.15
CA VAL A 32 7.94 1.12 -8.36
C VAL A 32 7.48 -0.33 -8.30
N GLY A 33 6.50 -0.68 -7.48
CA GLY A 33 5.96 -2.06 -7.44
C GLY A 33 5.46 -2.49 -8.80
N ALA A 34 4.67 -1.63 -9.43
CA ALA A 34 4.09 -1.91 -10.76
C ALA A 34 5.24 -2.04 -11.78
N LEU A 35 6.21 -1.12 -11.73
CA LEU A 35 7.38 -1.16 -12.64
C LEU A 35 8.19 -2.44 -12.36
N GLU A 36 8.35 -2.83 -11.10
CA GLU A 36 9.15 -4.03 -10.72
C GLU A 36 8.53 -5.26 -11.39
N GLY A 37 7.20 -5.36 -11.39
CA GLY A 37 6.50 -6.52 -11.99
C GLY A 37 6.71 -6.59 -13.49
N GLN A 38 6.63 -5.44 -14.17
CA GLN A 38 6.83 -5.42 -15.64
C GLN A 38 8.30 -5.73 -15.97
N LEU A 39 9.25 -5.24 -15.20
CA LEU A 39 10.69 -5.49 -15.45
C LEU A 39 10.94 -7.01 -15.35
N LYS A 40 10.42 -7.64 -14.30
CA LYS A 40 10.53 -9.11 -14.13
C LYS A 40 9.95 -9.83 -15.35
N LYS A 41 8.75 -9.45 -15.77
CA LYS A 41 8.07 -10.01 -16.96
C LYS A 41 8.94 -9.82 -18.20
N LYS A 42 9.50 -8.64 -18.41
CA LYS A 42 10.26 -8.33 -19.64
C LYS A 42 11.60 -9.08 -19.63
N THR A 43 12.39 -8.97 -18.55
CA THR A 43 13.84 -9.31 -18.54
C THR A 43 14.16 -10.51 -17.65
N GLY A 44 13.18 -11.08 -16.94
CA GLY A 44 13.39 -12.21 -16.02
C GLY A 44 14.12 -11.82 -14.74
N LYS A 45 14.52 -10.55 -14.53
CA LYS A 45 15.23 -10.11 -13.29
C LYS A 45 14.24 -9.40 -12.34
N LEU A 46 14.28 -9.77 -11.06
CA LEU A 46 13.51 -9.08 -9.98
C LEU A 46 14.48 -8.17 -9.25
N LEU A 47 14.18 -6.88 -9.23
CA LEU A 47 15.11 -5.83 -8.77
C LEU A 47 14.31 -4.76 -8.03
N ASN A 48 14.80 -4.31 -6.88
CA ASN A 48 14.19 -3.16 -6.17
C ASN A 48 14.45 -1.90 -7.00
N LEU A 49 13.39 -1.16 -7.40
CA LEU A 49 13.58 0.17 -8.06
C LEU A 49 13.44 1.30 -7.05
N SER A 50 13.82 2.52 -7.43
CA SER A 50 14.05 3.64 -6.49
C SER A 50 12.77 4.46 -6.31
N PRO A 51 12.03 4.30 -5.19
CA PRO A 51 10.99 5.28 -4.83
C PRO A 51 11.60 6.68 -4.59
N GLN A 52 12.84 6.76 -4.07
CA GLN A 52 13.46 8.09 -3.78
C GLN A 52 13.66 8.88 -5.08
N ASN A 53 14.08 8.20 -6.16
CA ASN A 53 14.19 8.75 -7.53
C ASN A 53 12.88 9.45 -7.90
N LEU A 54 11.75 8.79 -7.64
CA LEU A 54 10.42 9.35 -7.98
C LEU A 54 10.12 10.55 -7.05
N VAL A 55 10.27 10.39 -5.74
CA VAL A 55 10.01 11.45 -4.72
C VAL A 55 10.80 12.73 -5.11
N ASP A 56 12.08 12.60 -5.40
CA ASP A 56 12.96 13.78 -5.62
C ASP A 56 12.73 14.37 -7.02
N CYS A 57 12.32 13.58 -8.02
CA CYS A 57 12.46 13.99 -9.44
C CYS A 57 11.12 14.12 -10.17
N VAL A 58 10.01 13.59 -9.68
CA VAL A 58 8.68 13.75 -10.36
C VAL A 58 8.13 15.13 -9.96
N SER A 59 8.46 16.15 -10.72
CA SER A 59 8.11 17.56 -10.40
C SER A 59 6.60 17.79 -10.54
N GLU A 60 5.87 16.96 -11.28
CA GLU A 60 4.37 17.03 -11.35
C GLU A 60 3.75 16.50 -10.04
N ASN A 61 4.53 15.81 -9.20
CA ASN A 61 4.05 15.32 -7.88
C ASN A 61 4.60 16.22 -6.78
N ASP A 62 4.32 15.90 -5.53
CA ASP A 62 4.71 16.77 -4.40
C ASP A 62 5.63 16.05 -3.42
N GLY A 63 6.44 15.10 -3.91
CA GLY A 63 7.38 14.39 -3.03
C GLY A 63 6.71 13.78 -1.82
N CYS A 64 7.13 14.14 -0.61
CA CYS A 64 6.58 13.61 0.67
C CYS A 64 5.16 14.15 0.93
N GLY A 65 4.72 15.18 0.20
CA GLY A 65 3.33 15.69 0.30
C GLY A 65 2.35 14.95 -0.62
N GLY A 66 2.78 13.97 -1.40
CA GLY A 66 1.89 13.05 -2.14
C GLY A 66 2.01 13.23 -3.63
N GLY A 67 1.36 12.37 -4.40
CA GLY A 67 1.37 12.45 -5.86
C GLY A 67 0.63 11.31 -6.50
N TYR A 68 0.67 11.26 -7.83
CA TYR A 68 -0.04 10.24 -8.62
C TYR A 68 0.98 9.25 -9.20
N MET A 69 0.57 7.99 -9.28
CA MET A 69 1.37 6.92 -9.92
C MET A 69 1.47 7.23 -11.43
N THR A 70 0.40 7.72 -12.06
CA THR A 70 0.42 8.05 -13.52
C THR A 70 1.50 9.09 -13.81
N ASN A 71 1.68 10.09 -12.95
CA ASN A 71 2.72 11.12 -13.14
C ASN A 71 4.09 10.46 -13.03
N ALA A 72 4.26 9.52 -12.08
CA ALA A 72 5.51 8.75 -11.94
C ALA A 72 5.82 7.98 -13.25
N PHE A 73 4.87 7.24 -13.79
CA PHE A 73 5.10 6.45 -15.03
C PHE A 73 5.51 7.39 -16.17
N GLN A 74 4.85 8.55 -16.29
CA GLN A 74 5.16 9.56 -17.34
C GLN A 74 6.58 10.08 -17.15
N TYR A 75 6.99 10.35 -15.90
CA TYR A 75 8.37 10.78 -15.60
C TYR A 75 9.36 9.71 -16.06
N VAL A 76 9.13 8.44 -15.75
CA VAL A 76 10.10 7.38 -16.15
C VAL A 76 10.21 7.31 -17.69
N GLN A 77 9.07 7.39 -18.37
CA GLN A 77 9.03 7.42 -19.84
C GLN A 77 9.83 8.65 -20.33
N LYS A 78 9.47 9.84 -19.90
CA LYS A 78 10.12 11.12 -20.34
C LYS A 78 11.60 11.12 -19.98
N ASN A 79 11.97 10.53 -18.84
CA ASN A 79 13.35 10.55 -18.30
C ASN A 79 14.23 9.50 -19.00
N ARG A 80 13.60 8.65 -19.80
CA ARG A 80 14.19 7.43 -20.40
C ARG A 80 14.87 6.62 -19.30
N GLY A 81 14.27 6.57 -18.10
CA GLY A 81 14.58 5.48 -17.15
C GLY A 81 14.36 5.86 -15.70
N ILE A 82 14.44 4.82 -14.84
CA ILE A 82 14.46 4.97 -13.37
C ILE A 82 15.65 4.19 -12.82
N ASP A 83 16.26 4.71 -11.77
CA ASP A 83 17.37 4.04 -11.06
C ASP A 83 16.88 2.89 -10.17
N SER A 84 17.79 1.93 -9.96
CA SER A 84 17.69 0.87 -8.94
C SER A 84 17.63 1.56 -7.57
N GLU A 85 17.03 0.89 -6.59
CA GLU A 85 17.13 1.30 -5.16
C GLU A 85 18.61 1.43 -4.78
N ASP A 86 19.48 0.51 -5.23
CA ASP A 86 20.92 0.52 -4.87
C ASP A 86 21.58 1.84 -5.34
N ALA A 87 21.30 2.26 -6.57
CA ALA A 87 21.90 3.48 -7.19
C ALA A 87 21.28 4.76 -6.62
N TYR A 88 20.12 4.66 -5.95
CA TYR A 88 19.35 5.84 -5.48
C TYR A 88 18.51 5.42 -4.28
N PRO A 89 19.15 5.27 -3.08
CA PRO A 89 18.52 4.68 -1.90
C PRO A 89 17.49 5.60 -1.25
N TYR A 90 16.50 4.98 -0.60
CA TYR A 90 15.38 5.69 0.07
C TYR A 90 15.87 6.31 1.37
N VAL A 91 15.67 7.61 1.53
CA VAL A 91 16.04 8.35 2.77
C VAL A 91 14.79 8.89 3.47
N GLY A 92 13.61 8.75 2.87
CA GLY A 92 12.33 9.09 3.54
C GLY A 92 12.11 10.57 3.76
N GLN A 93 12.77 11.42 2.96
CA GLN A 93 12.50 12.88 2.88
C GLN A 93 12.91 13.37 1.50
N GLU A 94 12.29 14.45 1.04
CA GLU A 94 12.50 14.96 -0.34
C GLU A 94 13.85 15.71 -0.38
N GLU A 95 14.65 15.45 -1.41
CA GLU A 95 15.93 16.15 -1.66
C GLU A 95 16.00 16.49 -3.15
N SER A 96 17.05 17.22 -3.54
CA SER A 96 17.32 17.61 -4.95
C SER A 96 17.38 16.34 -5.78
N CYS A 97 16.83 16.38 -6.98
CA CYS A 97 16.91 15.26 -7.95
C CYS A 97 18.38 14.93 -8.20
N MET A 98 18.80 13.70 -7.91
CA MET A 98 20.16 13.20 -8.19
C MET A 98 20.05 11.92 -9.01
N TYR A 99 19.10 11.89 -9.94
CA TYR A 99 19.00 10.82 -10.97
C TYR A 99 20.40 10.65 -11.57
N ASN A 100 20.80 9.41 -11.79
CA ASN A 100 22.09 9.05 -12.46
C ASN A 100 21.81 7.94 -13.44
N PRO A 101 21.91 8.23 -14.76
CA PRO A 101 21.59 7.26 -15.81
C PRO A 101 22.42 5.97 -15.79
N THR A 102 23.57 5.99 -15.10
CA THR A 102 24.44 4.80 -14.94
C THR A 102 23.74 3.79 -14.04
N GLY A 103 22.89 4.24 -13.12
CA GLY A 103 22.14 3.36 -12.19
C GLY A 103 20.81 2.92 -12.76
N LYS A 104 20.52 3.24 -14.03
CA LYS A 104 19.23 2.97 -14.69
C LYS A 104 18.95 1.47 -14.64
N ALA A 105 17.75 1.03 -14.24
CA ALA A 105 17.41 -0.40 -14.09
C ALA A 105 16.10 -0.73 -14.79
N ALA A 106 15.37 0.29 -15.24
CA ALA A 106 14.11 0.08 -15.98
C ALA A 106 13.75 1.31 -16.80
N LYS A 107 12.90 1.08 -17.78
CA LYS A 107 12.33 2.10 -18.66
C LYS A 107 10.81 1.92 -18.65
N CYS A 108 10.11 2.85 -19.29
CA CYS A 108 8.65 2.88 -19.38
C CYS A 108 8.27 3.47 -20.72
N ARG A 109 7.24 2.94 -21.37
CA ARG A 109 6.73 3.35 -22.72
CA ARG A 109 6.74 3.39 -22.72
C ARG A 109 5.31 3.92 -22.59
N GLY A 110 4.93 4.38 -21.41
CA GLY A 110 3.58 4.90 -21.15
C GLY A 110 2.86 4.13 -20.06
N TYR A 111 1.57 4.37 -19.92
CA TYR A 111 0.75 3.72 -18.87
C TYR A 111 -0.63 3.48 -19.41
N ARG A 112 -1.33 2.55 -18.79
CA ARG A 112 -2.72 2.19 -19.11
C ARG A 112 -3.52 2.45 -17.85
N GLU A 113 -4.75 2.93 -18.04
CA GLU A 113 -5.72 3.19 -16.95
C GLU A 113 -6.82 2.14 -17.02
N ILE A 114 -7.19 1.56 -15.87
CA ILE A 114 -8.38 0.69 -15.80
C ILE A 114 -9.63 1.56 -15.85
N PRO A 115 -10.68 1.20 -16.64
CA PRO A 115 -11.94 1.95 -16.64
C PRO A 115 -12.55 2.06 -15.24
N GLU A 116 -13.01 3.26 -14.90
CA GLU A 116 -13.38 3.61 -13.52
C GLU A 116 -14.42 2.61 -12.99
N GLY A 117 -14.14 2.05 -11.82
CA GLY A 117 -15.06 1.23 -11.04
C GLY A 117 -15.20 -0.17 -11.59
N ASN A 118 -14.39 -0.60 -12.56
CA ASN A 118 -14.65 -1.89 -13.23
C ASN A 118 -13.70 -2.97 -12.65
N GLU A 119 -14.16 -3.71 -11.64
CA GLU A 119 -13.33 -4.74 -10.96
C GLU A 119 -13.01 -5.90 -11.91
N LYS A 120 -13.90 -6.23 -12.85
CA LYS A 120 -13.61 -7.32 -13.82
C LYS A 120 -12.46 -6.88 -14.74
N ALA A 121 -12.42 -5.61 -15.16
CA ALA A 121 -11.32 -5.08 -15.97
C ALA A 121 -10.01 -5.14 -15.17
N LEU A 122 -10.08 -4.78 -13.89
CA LEU A 122 -8.87 -4.85 -13.03
C LEU A 122 -8.42 -6.31 -12.95
N LYS A 123 -9.37 -7.23 -12.76
CA LYS A 123 -9.01 -8.68 -12.66
C LYS A 123 -8.29 -9.12 -13.95
N ARG A 124 -8.89 -8.80 -15.11
CA ARG A 124 -8.26 -9.18 -16.42
C ARG A 124 -6.85 -8.63 -16.51
N ALA A 125 -6.61 -7.39 -16.07
CA ALA A 125 -5.28 -6.77 -16.13
C ALA A 125 -4.28 -7.47 -15.20
N VAL A 126 -4.67 -7.74 -13.95
CA VAL A 126 -3.79 -8.48 -13.01
C VAL A 126 -3.43 -9.84 -13.65
N ALA A 127 -4.44 -10.58 -14.11
CA ALA A 127 -4.26 -11.92 -14.71
C ALA A 127 -3.34 -11.85 -15.95
N ARG A 128 -3.52 -10.87 -16.83
CA ARG A 128 -2.86 -10.90 -18.15
C ARG A 128 -1.63 -9.99 -18.15
N VAL A 129 -1.52 -8.99 -17.28
CA VAL A 129 -0.41 -8.01 -17.38
C VAL A 129 0.57 -8.20 -16.24
N GLY A 130 0.08 -8.18 -15.00
CA GLY A 130 0.92 -8.27 -13.79
C GLY A 130 0.40 -7.35 -12.68
N PRO A 131 1.20 -7.13 -11.63
CA PRO A 131 0.80 -6.21 -10.55
C PRO A 131 0.32 -4.85 -11.08
N VAL A 132 -0.74 -4.32 -10.50
CA VAL A 132 -1.40 -3.06 -10.94
C VAL A 132 -1.44 -2.08 -9.76
N SER A 133 -1.08 -0.82 -10.01
CA SER A 133 -1.15 0.29 -9.01
C SER A 133 -2.62 0.62 -8.78
N VAL A 134 -3.06 0.71 -7.53
CA VAL A 134 -4.45 1.03 -7.14
C VAL A 134 -4.46 2.02 -6.00
N ALA A 135 -5.54 2.78 -5.94
CA ALA A 135 -5.84 3.78 -4.91
C ALA A 135 -7.10 3.33 -4.17
N ILE A 136 -7.12 3.52 -2.85
CA ILE A 136 -8.22 3.06 -1.97
C ILE A 136 -8.53 4.12 -0.89
N ASP A 137 -9.65 3.89 -0.24
CA ASP A 137 -9.95 4.51 1.07
C ASP A 137 -9.32 3.60 2.14
N ALA A 138 -8.23 4.04 2.75
CA ALA A 138 -7.55 3.36 3.87
C ALA A 138 -7.75 4.15 5.15
N SER A 139 -8.77 5.01 5.22
CA SER A 139 -8.96 6.03 6.29
C SER A 139 -9.63 5.46 7.55
N LEU A 140 -10.06 4.20 7.54
CA LEU A 140 -10.78 3.59 8.70
C LEU A 140 -9.82 2.92 9.70
N THR A 141 -10.19 2.95 10.98
CA THR A 141 -9.45 2.26 12.05
C THR A 141 -9.37 0.76 11.71
N SER A 142 -10.41 0.19 11.07
CA SER A 142 -10.45 -1.25 10.68
C SER A 142 -9.34 -1.58 9.68
N PHE A 143 -8.94 -0.62 8.86
CA PHE A 143 -7.80 -0.75 7.93
C PHE A 143 -6.50 -0.51 8.68
N GLN A 144 -6.46 0.59 9.41
CA GLN A 144 -5.29 0.94 10.25
C GLN A 144 -4.75 -0.30 10.97
N PHE A 145 -5.60 -1.13 11.57
CA PHE A 145 -5.12 -2.25 12.41
C PHE A 145 -5.42 -3.61 11.77
N TYR A 146 -5.66 -3.65 10.46
CA TYR A 146 -5.86 -4.96 9.78
C TYR A 146 -4.69 -5.88 10.10
N SER A 147 -5.00 -7.14 10.43
CA SER A 147 -4.02 -8.20 10.76
C SER A 147 -4.19 -9.39 9.81
N LYS A 148 -5.41 -9.90 9.67
CA LYS A 148 -5.63 -11.16 8.89
C LYS A 148 -7.06 -11.22 8.39
N GLY A 149 -7.31 -12.05 7.39
CA GLY A 149 -8.64 -12.28 6.82
C GLY A 149 -8.88 -11.38 5.60
N VAL A 150 -10.15 -11.31 5.17
CA VAL A 150 -10.59 -10.54 3.98
C VAL A 150 -11.22 -9.26 4.50
N TYR A 151 -10.55 -8.15 4.20
CA TYR A 151 -11.01 -6.83 4.65
C TYR A 151 -12.27 -6.44 3.87
N TYR A 152 -13.35 -6.25 4.61
CA TYR A 152 -14.66 -5.80 4.07
C TYR A 152 -15.38 -5.03 5.17
N ASP A 153 -15.42 -3.71 5.03
CA ASP A 153 -16.06 -2.77 5.97
C ASP A 153 -17.00 -1.88 5.13
N GLU A 154 -18.30 -1.95 5.40
CA GLU A 154 -19.33 -1.21 4.60
CA GLU A 154 -19.36 -1.21 4.64
C GLU A 154 -19.18 0.30 4.78
N SER A 155 -18.37 0.75 5.76
CA SER A 155 -18.18 2.20 5.98
C SER A 155 -17.11 2.74 5.02
N CYS A 156 -16.40 1.86 4.28
CA CYS A 156 -15.36 2.28 3.33
C CYS A 156 -16.04 3.14 2.26
N ASN A 157 -15.40 4.22 1.84
CA ASN A 157 -16.01 5.19 0.89
C ASN A 157 -15.25 5.17 -0.44
N SER A 158 -15.84 4.56 -1.47
CA SER A 158 -15.22 4.37 -2.80
C SER A 158 -14.88 5.73 -3.44
N ASP A 159 -15.50 6.81 -2.98
CA ASP A 159 -15.29 8.18 -3.49
C ASP A 159 -14.24 8.92 -2.64
N ASN A 160 -13.67 8.29 -1.62
CA ASN A 160 -12.63 8.93 -0.77
C ASN A 160 -11.30 8.17 -0.94
N LEU A 161 -10.56 8.47 -2.00
CA LEU A 161 -9.31 7.73 -2.29
C LEU A 161 -8.18 8.47 -1.60
N ASN A 162 -7.53 7.83 -0.65
CA ASN A 162 -6.55 8.55 0.21
C ASN A 162 -5.34 7.69 0.46
N HIS A 163 -5.13 6.64 -0.34
CA HIS A 163 -3.90 5.81 -0.15
C HIS A 163 -3.62 5.06 -1.43
N ALA A 164 -2.35 4.82 -1.74
CA ALA A 164 -1.95 4.10 -2.96
C ALA A 164 -1.19 2.83 -2.56
N VAL A 165 -1.56 1.73 -3.19
CA VAL A 165 -1.00 0.38 -2.92
C VAL A 165 -0.91 -0.39 -4.23
N LEU A 166 -0.63 -1.69 -4.16
CA LEU A 166 -0.29 -2.51 -5.34
C LEU A 166 -1.09 -3.80 -5.30
N ALA A 167 -1.92 -4.07 -6.32
CA ALA A 167 -2.67 -5.33 -6.42
C ALA A 167 -1.74 -6.37 -7.07
N VAL A 168 -1.40 -7.46 -6.37
CA VAL A 168 -0.40 -8.45 -6.87
C VAL A 168 -1.09 -9.78 -7.15
N GLY A 169 -2.41 -9.84 -7.02
CA GLY A 169 -3.17 -11.04 -7.40
C GLY A 169 -4.57 -10.99 -6.87
N TYR A 170 -5.26 -12.11 -6.95
CA TYR A 170 -6.65 -12.24 -6.49
C TYR A 170 -6.92 -13.70 -6.19
N GLY A 171 -7.93 -13.92 -5.37
CA GLY A 171 -8.30 -15.30 -5.00
C GLY A 171 -9.49 -15.30 -4.11
N ILE A 172 -9.54 -16.29 -3.21
CA ILE A 172 -10.71 -16.52 -2.34
C ILE A 172 -10.20 -17.17 -1.06
N GLN A 173 -10.71 -16.74 0.05
CA GLN A 173 -10.34 -17.31 1.37
CA GLN A 173 -10.36 -17.31 1.36
C GLN A 173 -11.65 -17.49 2.14
N LYS A 174 -11.88 -18.69 2.65
CA LYS A 174 -13.09 -19.05 3.42
C LYS A 174 -14.33 -18.52 2.72
N GLY A 175 -14.37 -18.65 1.40
CA GLY A 175 -15.53 -18.35 0.55
C GLY A 175 -15.65 -16.86 0.22
N ASN A 176 -14.69 -16.04 0.65
CA ASN A 176 -14.69 -14.56 0.43
C ASN A 176 -13.67 -14.24 -0.67
N LYS A 177 -14.14 -13.77 -1.82
CA LYS A 177 -13.25 -13.33 -2.92
C LYS A 177 -12.44 -12.11 -2.46
N HIS A 178 -11.18 -12.05 -2.90
CA HIS A 178 -10.28 -10.96 -2.47
C HIS A 178 -9.31 -10.57 -3.58
N TRP A 179 -8.72 -9.38 -3.36
CA TRP A 179 -7.52 -8.87 -4.05
C TRP A 179 -6.36 -9.08 -3.09
N ILE A 180 -5.19 -9.43 -3.60
CA ILE A 180 -3.96 -9.53 -2.77
C ILE A 180 -3.26 -8.17 -2.90
N ILE A 181 -3.16 -7.43 -1.79
CA ILE A 181 -2.67 -6.03 -1.80
C ILE A 181 -1.38 -5.91 -1.01
N LYS A 182 -0.34 -5.43 -1.68
CA LYS A 182 0.96 -5.09 -1.07
C LYS A 182 0.91 -3.63 -0.60
N ASN A 183 1.12 -3.42 0.69
CA ASN A 183 1.13 -2.05 1.29
C ASN A 183 2.60 -1.66 1.47
N SER A 184 2.84 -0.43 1.90
CA SER A 184 4.20 0.12 2.07
C SER A 184 4.37 0.69 3.49
N TRP A 185 3.77 0.01 4.49
CA TRP A 185 3.86 0.41 5.91
C TRP A 185 4.73 -0.58 6.70
N GLY A 186 5.62 -1.29 6.02
CA GLY A 186 6.54 -2.25 6.65
C GLY A 186 5.91 -3.61 6.85
N GLU A 187 6.70 -4.60 7.26
CA GLU A 187 6.19 -5.98 7.47
C GLU A 187 5.46 -6.11 8.80
N ASN A 188 5.52 -5.12 9.69
CA ASN A 188 4.80 -5.17 10.98
C ASN A 188 3.37 -4.66 10.83
N TRP A 189 2.94 -4.26 9.63
CA TRP A 189 1.52 -3.93 9.37
C TRP A 189 0.86 -5.10 8.64
N GLY A 190 -0.39 -5.39 8.94
CA GLY A 190 -1.14 -6.39 8.17
C GLY A 190 -0.56 -7.78 8.36
N ASN A 191 -0.65 -8.59 7.31
CA ASN A 191 -0.07 -9.94 7.27
C ASN A 191 1.30 -9.87 6.57
N LYS A 192 2.38 -9.62 7.31
CA LYS A 192 3.74 -9.42 6.77
C LYS A 192 3.68 -8.31 5.71
N GLY A 193 2.86 -7.29 5.94
CA GLY A 193 2.80 -6.08 5.09
C GLY A 193 1.72 -6.14 4.03
N TYR A 194 0.95 -7.23 3.97
CA TYR A 194 -0.12 -7.48 2.97
C TYR A 194 -1.50 -7.40 3.62
N ILE A 195 -2.48 -7.12 2.77
CA ILE A 195 -3.92 -7.15 3.13
C ILE A 195 -4.67 -7.83 1.98
N LEU A 196 -5.63 -8.68 2.36
CA LEU A 196 -6.62 -9.21 1.39
C LEU A 196 -7.82 -8.29 1.45
N MET A 197 -8.19 -7.69 0.31
CA MET A 197 -9.32 -6.76 0.25
C MET A 197 -10.46 -7.39 -0.56
N ALA A 198 -11.68 -7.17 -0.09
CA ALA A 198 -12.88 -7.79 -0.69
C ALA A 198 -12.92 -7.47 -2.17
N ARG A 199 -13.17 -8.51 -2.96
CA ARG A 199 -13.35 -8.41 -4.42
C ARG A 199 -14.80 -8.76 -4.79
N ASN A 200 -15.34 -8.04 -5.79
CA ASN A 200 -16.75 -8.15 -6.27
C ASN A 200 -17.73 -7.85 -5.14
N LYS A 201 -17.37 -6.96 -4.23
CA LYS A 201 -18.32 -6.41 -3.23
C LYS A 201 -18.62 -4.94 -3.59
N ASN A 202 -19.10 -4.70 -4.82
CA ASN A 202 -19.46 -3.34 -5.29
CA ASN A 202 -19.47 -3.34 -5.31
C ASN A 202 -18.28 -2.39 -5.14
N ASN A 203 -17.11 -2.81 -5.63
CA ASN A 203 -15.91 -1.96 -5.69
C ASN A 203 -15.54 -1.44 -4.29
N ALA A 204 -15.39 -2.34 -3.34
CA ALA A 204 -15.14 -2.02 -1.92
C ALA A 204 -13.88 -1.16 -1.80
N CYS A 205 -13.99 -0.03 -1.12
CA CYS A 205 -12.89 0.93 -0.82
C CYS A 205 -12.40 1.61 -2.10
N GLY A 206 -13.17 1.55 -3.20
CA GLY A 206 -12.77 2.20 -4.46
C GLY A 206 -11.59 1.55 -5.14
N ILE A 207 -11.35 0.28 -4.87
CA ILE A 207 -10.20 -0.49 -5.38
C ILE A 207 -10.05 -0.33 -6.90
N ALA A 208 -11.13 -0.26 -7.69
CA ALA A 208 -11.01 -0.16 -9.15
C ALA A 208 -11.35 1.25 -9.64
N ASN A 209 -11.30 2.28 -8.78
CA ASN A 209 -11.65 3.68 -9.14
C ASN A 209 -10.48 4.42 -9.78
N LEU A 210 -9.23 4.09 -9.49
CA LEU A 210 -8.10 4.78 -10.16
C LEU A 210 -6.91 3.84 -10.26
N ALA A 211 -7.08 2.76 -11.00
CA ALA A 211 -6.04 1.73 -11.17
C ALA A 211 -5.27 2.00 -12.47
N SER A 212 -3.96 1.81 -12.44
CA SER A 212 -3.09 2.09 -13.59
C SER A 212 -1.93 1.11 -13.61
N PHE A 213 -1.31 0.91 -14.77
CA PHE A 213 -0.11 0.05 -14.86
C PHE A 213 0.80 0.59 -15.96
N PRO A 214 2.13 0.48 -15.78
CA PRO A 214 3.08 0.98 -16.76
C PRO A 214 3.23 0.01 -17.94
N LYS A 215 3.46 0.57 -19.13
CA LYS A 215 3.79 -0.23 -20.35
C LYS A 215 5.32 -0.30 -20.46
N MET A 216 5.87 -1.44 -20.83
CA MET A 216 7.35 -1.59 -20.90
C MET A 216 7.71 -2.29 -22.21
N ASP B 8 2.04 1.17 33.48
CA ASP B 8 2.52 1.58 32.15
C ASP B 8 3.59 0.61 31.62
N THR B 9 3.71 -0.62 32.14
CA THR B 9 4.73 -1.58 31.63
C THR B 9 4.55 -1.80 30.12
N HIS B 10 3.34 -2.10 29.69
CA HIS B 10 3.03 -2.38 28.26
C HIS B 10 3.22 -1.13 27.39
N TRP B 11 2.76 0.04 27.86
CA TRP B 11 2.94 1.33 27.14
C TRP B 11 4.43 1.61 26.95
N GLU B 12 5.23 1.40 28.00
CA GLU B 12 6.71 1.60 27.90
C GLU B 12 7.29 0.67 26.82
N LEU B 13 6.94 -0.60 26.86
CA LEU B 13 7.50 -1.61 25.90
C LEU B 13 7.05 -1.24 24.49
N TRP B 14 5.83 -0.75 24.35
CA TRP B 14 5.30 -0.35 23.02
C TRP B 14 6.11 0.86 22.51
N LYS B 15 6.28 1.88 23.34
CA LYS B 15 7.05 3.10 22.95
C LYS B 15 8.47 2.70 22.53
N LYS B 16 9.10 1.87 23.37
CA LYS B 16 10.51 1.51 23.17
C LYS B 16 10.63 0.70 21.88
N THR B 17 9.80 -0.33 21.74
CA THR B 17 9.81 -1.25 20.58
C THR B 17 9.65 -0.44 19.30
N HIS B 18 8.78 0.56 19.29
CA HIS B 18 8.47 1.34 18.06
C HIS B 18 9.25 2.66 18.06
N ARG B 19 10.19 2.87 18.98
CA ARG B 19 11.06 4.07 19.02
C ARG B 19 10.18 5.33 19.02
N LYS B 20 9.16 5.37 19.86
CA LYS B 20 8.22 6.53 19.89
C LYS B 20 8.75 7.59 20.85
N GLN B 21 8.66 8.86 20.48
CA GLN B 21 8.99 10.00 21.36
C GLN B 21 7.87 11.02 21.29
N TYR B 22 7.64 11.72 22.39
CA TYR B 22 6.58 12.74 22.51
C TYR B 22 7.23 14.04 22.97
N ASN B 23 6.58 15.19 22.75
CA ASN B 23 7.28 16.49 22.97
C ASN B 23 7.18 16.90 24.44
N ASN B 24 6.25 16.33 25.18
CA ASN B 24 5.97 16.78 26.57
C ASN B 24 4.94 15.82 27.16
N LYS B 25 4.68 15.98 28.46
CA LYS B 25 3.78 15.06 29.17
C LYS B 25 2.38 15.18 28.57
N VAL B 26 1.91 16.37 28.24
CA VAL B 26 0.51 16.49 27.70
C VAL B 26 0.43 15.71 26.38
N ASP B 27 1.41 15.91 25.48
CA ASP B 27 1.50 15.19 24.18
C ASP B 27 1.55 13.66 24.42
N GLU B 28 2.41 13.20 25.32
CA GLU B 28 2.50 11.76 25.61
C GLU B 28 1.18 11.21 26.14
N ILE B 29 0.55 11.86 27.10
CA ILE B 29 -0.72 11.35 27.66
C ILE B 29 -1.81 11.37 26.57
N SER B 30 -1.84 12.39 25.72
CA SER B 30 -2.79 12.50 24.59
C SER B 30 -2.62 11.29 23.68
N ARG B 31 -1.38 10.88 23.47
CA ARG B 31 -1.06 9.76 22.55
C ARG B 31 -1.42 8.46 23.23
N ARG B 32 -1.14 8.35 24.52
CA ARG B 32 -1.50 7.18 25.32
C ARG B 32 -3.01 6.96 25.26
N LEU B 33 -3.77 8.06 25.33
CA LEU B 33 -5.24 7.98 25.32
C LEU B 33 -5.70 7.41 23.95
N ILE B 34 -5.13 7.90 22.85
CA ILE B 34 -5.50 7.35 21.51
C ILE B 34 -5.19 5.84 21.47
N TRP B 35 -4.05 5.47 22.00
CA TRP B 35 -3.58 4.06 21.97
C TRP B 35 -4.55 3.21 22.80
N GLU B 36 -4.91 3.66 23.99
CA GLU B 36 -5.84 2.91 24.84
C GLU B 36 -7.16 2.72 24.09
N LYS B 37 -7.65 3.75 23.41
CA LYS B 37 -8.96 3.68 22.73
C LYS B 37 -8.84 2.68 21.57
N ASN B 38 -7.69 2.67 20.91
CA ASN B 38 -7.44 1.75 19.77
C ASN B 38 -7.33 0.31 20.30
N LEU B 39 -6.72 0.08 21.47
CA LEU B 39 -6.63 -1.29 22.05
C LEU B 39 -8.02 -1.81 22.32
N LYS B 40 -8.87 -0.96 22.85
CA LYS B 40 -10.24 -1.38 23.17
C LYS B 40 -10.99 -1.66 21.88
N TYR B 41 -10.78 -0.82 20.87
CA TYR B 41 -11.46 -1.01 19.56
C TYR B 41 -11.06 -2.37 19.00
N ILE B 42 -9.78 -2.70 19.07
CA ILE B 42 -9.22 -3.98 18.56
C ILE B 42 -9.90 -5.15 19.28
N SER B 43 -9.95 -5.10 20.60
CA SER B 43 -10.57 -6.15 21.44
C SER B 43 -12.03 -6.33 21.01
N ILE B 44 -12.78 -5.24 20.90
CA ILE B 44 -14.24 -5.35 20.57
C ILE B 44 -14.41 -5.88 19.15
N HIS B 45 -13.65 -5.36 18.19
CA HIS B 45 -13.71 -5.88 16.79
C HIS B 45 -13.46 -7.40 16.75
N ASN B 46 -12.42 -7.85 17.42
CA ASN B 46 -11.98 -9.27 17.35
C ASN B 46 -13.06 -10.14 18.01
N LEU B 47 -13.69 -9.64 19.07
CA LEU B 47 -14.79 -10.38 19.72
C LEU B 47 -15.93 -10.53 18.70
N GLU B 48 -16.24 -9.46 17.98
CA GLU B 48 -17.31 -9.43 16.94
C GLU B 48 -16.94 -10.41 15.81
N ALA B 49 -15.68 -10.40 15.38
CA ALA B 49 -15.16 -11.33 14.34
C ALA B 49 -15.32 -12.79 14.79
N SER B 50 -15.02 -13.13 16.06
CA SER B 50 -15.21 -14.49 16.63
C SER B 50 -16.69 -14.89 16.54
N LEU B 51 -17.60 -13.92 16.50
CA LEU B 51 -19.06 -14.22 16.43
C LEU B 51 -19.56 -14.10 14.99
N GLY B 52 -18.66 -13.96 14.00
CA GLY B 52 -19.09 -13.98 12.57
C GLY B 52 -19.46 -12.60 12.03
N VAL B 53 -19.22 -11.51 12.75
CA VAL B 53 -19.69 -10.16 12.36
C VAL B 53 -18.80 -9.62 11.23
N HIS B 54 -17.52 -10.01 11.22
CA HIS B 54 -16.48 -9.48 10.30
C HIS B 54 -15.71 -10.65 9.68
N THR B 55 -15.20 -10.49 8.46
CA THR B 55 -14.43 -11.54 7.78
C THR B 55 -12.93 -11.32 7.99
N TYR B 56 -12.55 -10.47 8.94
CA TYR B 56 -11.13 -10.12 9.16
C TYR B 56 -10.93 -9.73 10.62
N GLU B 57 -9.69 -9.75 11.05
CA GLU B 57 -9.29 -9.47 12.44
C GLU B 57 -8.23 -8.37 12.48
N LEU B 58 -8.09 -7.76 13.65
CA LEU B 58 -7.19 -6.61 13.88
C LEU B 58 -6.08 -6.97 14.87
N ALA B 59 -5.01 -6.18 14.86
CA ALA B 59 -3.94 -6.31 15.87
C ALA B 59 -3.26 -4.95 16.02
N MET B 60 -2.72 -4.69 17.22
CA MET B 60 -1.93 -3.48 17.53
C MET B 60 -0.65 -3.52 16.69
N ASN B 61 -0.21 -2.35 16.24
CA ASN B 61 1.01 -2.21 15.41
C ASN B 61 1.65 -0.85 15.75
N HIS B 62 2.62 -0.45 14.95
CA HIS B 62 3.38 0.80 15.15
C HIS B 62 2.53 2.06 14.97
N LEU B 63 1.29 1.96 14.43
CA LEU B 63 0.38 3.10 14.24
C LEU B 63 -0.60 3.22 15.43
N GLY B 64 -0.34 2.52 16.54
CA GLY B 64 -1.27 2.41 17.69
C GLY B 64 -1.64 3.75 18.34
N ASP B 65 -0.73 4.74 18.29
CA ASP B 65 -0.94 6.03 18.98
C ASP B 65 -1.53 7.05 18.01
N MET B 66 -2.04 6.62 16.86
CA MET B 66 -2.57 7.57 15.84
CA MET B 66 -2.57 7.57 15.84
C MET B 66 -4.06 7.35 15.54
N THR B 67 -4.72 8.42 15.09
CA THR B 67 -6.08 8.34 14.54
C THR B 67 -5.98 7.75 13.12
N SER B 68 -7.05 7.12 12.65
CA SER B 68 -7.04 6.46 11.32
C SER B 68 -6.90 7.54 10.23
N GLU B 69 -7.46 8.73 10.44
CA GLU B 69 -7.34 9.87 9.50
C GLU B 69 -5.86 10.31 9.44
N GLU B 70 -5.19 10.38 10.60
CA GLU B 70 -3.77 10.83 10.67
CA GLU B 70 -3.77 10.82 10.67
C GLU B 70 -2.87 9.91 9.84
N VAL B 71 -3.18 8.63 9.84
CA VAL B 71 -2.31 7.63 9.15
C VAL B 71 -2.27 7.97 7.65
N VAL B 72 -3.38 8.36 7.07
CA VAL B 72 -3.46 8.58 5.59
C VAL B 72 -3.31 10.07 5.24
N GLN B 73 -3.52 10.99 6.18
CA GLN B 73 -3.56 12.46 5.94
C GLN B 73 -2.58 13.15 6.89
N LYS B 74 -1.33 13.36 6.46
CA LYS B 74 -0.17 13.77 7.31
C LYS B 74 -0.56 14.99 8.16
C4 9ZG C . -0.75 10.11 -1.87
C14 9ZG C . -1.75 14.69 -4.23
C5 9ZG C . -1.98 10.14 -2.77
C6 9ZG C . -2.18 8.78 -3.41
C11 9ZG C . -5.74 9.00 -4.65
C7 9ZG C . -3.38 8.70 -4.30
C8 9ZG C . -3.26 8.35 -5.64
C9 9ZG C . -4.38 8.27 -6.46
C10 9ZG C . -5.61 8.60 -5.96
C12 9ZG C . -4.63 9.03 -3.83
C13 9ZG C . -2.04 12.47 -3.46
N1 9ZG C . 0.08 9.91 0.38
N2 9ZG C . 1.59 8.25 1.29
C3 9ZG C . -2.26 9.40 -0.07
N3 9ZG C . -0.94 9.78 -0.56
C1 9ZG C . 0.56 11.24 0.84
C2 9ZG C . 0.46 8.55 0.59
O1 9ZG C . 0.35 10.44 -2.31
N4 9ZG C . -1.88 11.16 -3.79
O2 9ZG C . -2.29 12.88 -2.34
O3 9ZG C . -1.81 13.26 -4.53
C15 9ZG C . -0.98 15.41 -5.31
C16 9ZG C . -1.01 14.97 -6.61
C17 9ZG C . -0.31 15.63 -7.62
C18 9ZG C . 0.41 16.76 -7.30
C19 9ZG C . 0.46 17.20 -6.01
C20 9ZG C . -0.24 16.54 -5.01
C1 EDO D . -19.42 -5.14 7.52
O1 EDO D . -18.87 -3.82 7.48
C2 EDO D . -19.07 -5.85 8.80
O2 EDO D . -17.70 -6.26 8.82
C1 EDO E . -5.66 5.59 -13.39
O1 EDO E . -5.06 6.83 -13.29
C2 EDO E . -7.09 5.65 -13.75
O2 EDO E . -7.66 4.41 -13.94
C1 EDO F . 2.04 6.39 7.21
O1 EDO F . 1.74 7.20 8.32
C2 EDO F . 2.55 5.06 7.62
O2 EDO F . 3.96 4.90 7.55
CL CL G . -2.44 7.68 -10.06
MG MG H . -11.07 6.04 12.99
#